data_7DYT
#
_entry.id   7DYT
#
_cell.length_a   49.350
_cell.length_b   65.000
_cell.length_c   78.610
_cell.angle_alpha   90.000
_cell.angle_beta   90.000
_cell.angle_gamma   90.000
#
_symmetry.space_group_name_H-M   'P 21 21 21'
#
loop_
_entity.id
_entity.type
_entity.pdbx_description
1 polymer 'Bifunctional peptidase and arginyl-hydroxylase JMJD5'
2 non-polymer 'MANGANESE (II) ION'
3 non-polymer '5-((4-methoxybenzyl)amino)pyridine-2,4-dicarboxylic acid'
4 water water
#
_entity_poly.entity_id   1
_entity_poly.type   'polypeptide(L)'
_entity_poly.pdbx_seq_one_letter_code
;STVPRLHRPSLQHFREQFLVPGRPVILKGVADHWPCMQKWSLEYIQEIAGCRTVPVEVGSRYTDEEWSQTLMTVNEFISK
YIVNEPRDVGYLAQHQLFDQIPELKQDISIPDYCSLGDGEEEEITINAWFGPQGTISPLHQDPQQNFLVQVMGRKYIRLY
SPQESGALYPHDTHLLHNTSQVDVENPDLEKFPKFAKAPFLSCILSPGEILFIPVKYWHYVRALDLSFSVSFWWS
;
_entity_poly.pdbx_strand_id   A
#
# COMPACT_ATOMS: atom_id res chain seq x y z
N SER A 1 2.92 -16.42 -10.70
CA SER A 1 4.28 -15.95 -10.98
C SER A 1 4.57 -14.65 -10.27
N THR A 2 5.79 -14.14 -10.41
CA THR A 2 6.24 -13.02 -9.59
C THR A 2 6.20 -11.72 -10.39
N VAL A 3 6.10 -10.62 -9.65
CA VAL A 3 6.16 -9.29 -10.27
C VAL A 3 7.59 -9.04 -10.73
N PRO A 4 7.83 -8.62 -11.97
CA PRO A 4 9.21 -8.38 -12.39
C PRO A 4 9.82 -7.19 -11.66
N ARG A 5 11.13 -7.27 -11.47
CA ARG A 5 11.92 -6.20 -10.89
C ARG A 5 12.84 -5.62 -11.95
N LEU A 6 12.80 -4.29 -12.09
CA LEU A 6 13.65 -3.59 -13.04
C LEU A 6 14.39 -2.45 -12.34
N HIS A 7 15.66 -2.29 -12.68
CA HIS A 7 16.47 -1.21 -12.12
C HIS A 7 16.32 0.05 -12.96
N ARG A 8 15.80 1.11 -12.35
CA ARG A 8 15.66 2.44 -12.92
C ARG A 8 15.36 2.40 -14.44
N PRO A 9 14.24 1.81 -14.83
CA PRO A 9 13.90 1.84 -16.25
C PRO A 9 13.69 3.27 -16.74
N SER A 10 13.98 3.49 -18.01
CA SER A 10 13.72 4.81 -18.60
C SER A 10 12.23 5.14 -18.49
N LEU A 11 11.91 6.43 -18.60
CA LEU A 11 10.51 6.83 -18.62
C LEU A 11 9.77 6.16 -19.78
N GLN A 12 10.39 6.18 -20.97
CA GLN A 12 9.74 5.60 -22.13
C GLN A 12 9.52 4.10 -21.96
N HIS A 13 10.51 3.41 -21.37
CA HIS A 13 10.37 1.97 -21.15
C HIS A 13 9.24 1.69 -20.17
N PHE A 14 9.19 2.43 -19.07
CA PHE A 14 8.09 2.27 -18.13
C PHE A 14 6.75 2.59 -18.77
N ARG A 15 6.70 3.69 -19.52
N ARG A 15 6.69 3.67 -19.54
CA ARG A 15 5.45 4.08 -20.16
CA ARG A 15 5.43 4.07 -20.15
C ARG A 15 4.95 2.98 -21.10
C ARG A 15 4.92 3.00 -21.12
N GLU A 16 5.80 2.51 -21.99
CA GLU A 16 5.37 1.61 -23.05
C GLU A 16 5.11 0.19 -22.57
N GLN A 17 5.93 -0.30 -21.63
N GLN A 17 5.91 -0.31 -21.62
CA GLN A 17 5.84 -1.69 -21.22
CA GLN A 17 5.84 -1.71 -21.22
C GLN A 17 4.99 -1.92 -19.98
C GLN A 17 5.10 -1.93 -19.91
N PHE A 18 4.69 -0.87 -19.21
CA PHE A 18 3.97 -1.07 -17.96
C PHE A 18 2.80 -0.11 -17.76
N LEU A 19 3.01 1.19 -17.92
CA LEU A 19 1.93 2.14 -17.65
C LEU A 19 0.80 1.97 -18.67
N VAL A 20 1.11 2.03 -19.96
CA VAL A 20 0.05 2.01 -20.97
C VAL A 20 -0.66 0.66 -20.96
N PRO A 21 0.06 -0.46 -20.95
CA PRO A 21 -0.64 -1.77 -20.90
C PRO A 21 -1.26 -2.10 -19.54
N GLY A 22 -0.85 -1.42 -18.47
CA GLY A 22 -1.39 -1.72 -17.16
C GLY A 22 -0.82 -2.97 -16.54
N ARG A 23 0.50 -3.12 -16.59
CA ARG A 23 1.18 -4.28 -16.06
C ARG A 23 1.99 -3.91 -14.83
N PRO A 24 1.88 -4.67 -13.74
CA PRO A 24 2.66 -4.32 -12.53
C PRO A 24 4.14 -4.57 -12.71
N VAL A 25 4.93 -3.82 -11.95
CA VAL A 25 6.39 -3.96 -11.95
C VAL A 25 6.92 -3.40 -10.63
N ILE A 26 8.05 -3.95 -10.18
CA ILE A 26 8.76 -3.39 -9.03
C ILE A 26 9.95 -2.59 -9.56
N LEU A 27 10.03 -1.32 -9.19
CA LEU A 27 11.13 -0.45 -9.59
C LEU A 27 12.21 -0.46 -8.51
N LYS A 28 13.41 -0.86 -8.89
CA LYS A 28 14.59 -0.85 -8.02
C LYS A 28 15.49 0.33 -8.36
N GLY A 29 16.28 0.75 -7.37
CA GLY A 29 17.25 1.81 -7.59
C GLY A 29 16.66 3.19 -7.75
N VAL A 30 15.40 3.36 -7.39
CA VAL A 30 14.70 4.64 -7.53
C VAL A 30 14.53 5.32 -6.18
N ALA A 31 13.93 4.64 -5.22
CA ALA A 31 13.69 5.18 -3.89
C ALA A 31 14.70 4.69 -2.86
N ASP A 32 15.63 3.81 -3.25
CA ASP A 32 16.47 3.16 -2.27
C ASP A 32 17.41 4.12 -1.56
N HIS A 33 17.63 5.33 -2.10
CA HIS A 33 18.47 6.32 -1.45
C HIS A 33 17.69 7.53 -0.93
N TRP A 34 16.37 7.48 -0.94
CA TRP A 34 15.61 8.55 -0.30
C TRP A 34 16.00 8.61 1.18
N PRO A 35 16.02 9.81 1.78
CA PRO A 35 16.42 9.90 3.20
C PRO A 35 15.59 9.04 4.13
N CYS A 36 14.31 8.83 3.82
CA CYS A 36 13.47 8.00 4.69
C CYS A 36 14.07 6.61 4.90
N MET A 37 14.77 6.08 3.90
CA MET A 37 15.27 4.71 3.99
C MET A 37 16.25 4.53 5.14
N GLN A 38 17.07 5.54 5.43
N GLN A 38 17.04 5.56 5.44
CA GLN A 38 17.98 5.46 6.56
CA GLN A 38 18.02 5.49 6.51
C GLN A 38 17.44 6.12 7.81
C GLN A 38 17.61 6.26 7.76
N LYS A 39 16.63 7.15 7.68
CA LYS A 39 16.27 7.98 8.83
C LYS A 39 15.08 7.44 9.63
N TRP A 40 14.13 6.77 9.00
CA TRP A 40 12.87 6.47 9.67
C TRP A 40 13.02 5.22 10.53
N SER A 41 13.31 5.45 11.79
CA SER A 41 13.19 4.46 12.85
C SER A 41 11.99 4.86 13.70
N LEU A 42 11.59 3.96 14.61
CA LEU A 42 10.56 4.33 15.57
C LEU A 42 10.97 5.58 16.34
N GLU A 43 12.24 5.65 16.75
CA GLU A 43 12.70 6.80 17.52
C GLU A 43 12.56 8.09 16.71
N TYR A 44 12.99 8.07 15.45
CA TYR A 44 12.87 9.27 14.63
C TYR A 44 11.40 9.65 14.44
N ILE A 45 10.55 8.67 14.15
CA ILE A 45 9.13 8.95 13.96
C ILE A 45 8.53 9.56 15.22
N GLN A 46 8.89 9.02 16.38
CA GLN A 46 8.41 9.61 17.63
C GLN A 46 8.88 11.05 17.79
N GLU A 47 10.15 11.31 17.43
CA GLU A 47 10.69 12.64 17.63
C GLU A 47 9.98 13.67 16.76
N ILE A 48 9.72 13.31 15.51
N ILE A 48 9.73 13.34 15.50
CA ILE A 48 9.20 14.28 14.54
CA ILE A 48 9.17 14.32 14.58
C ILE A 48 7.68 14.32 14.51
C ILE A 48 7.65 14.37 14.67
N ALA A 49 7.00 13.23 14.90
CA ALA A 49 5.56 13.15 14.78
C ALA A 49 4.83 12.71 16.04
N GLY A 50 5.55 12.40 17.12
CA GLY A 50 4.94 11.70 18.23
C GLY A 50 3.72 12.39 18.83
N CYS A 51 3.73 13.72 18.85
CA CYS A 51 2.67 14.47 19.50
C CYS A 51 1.49 14.77 18.59
N ARG A 52 1.56 14.39 17.32
CA ARG A 52 0.52 14.70 16.36
C ARG A 52 -0.59 13.65 16.41
N THR A 53 -1.81 14.11 16.14
CA THR A 53 -2.98 13.23 16.12
C THR A 53 -3.07 12.51 14.79
N VAL A 54 -3.30 11.20 14.83
CA VAL A 54 -3.48 10.45 13.58
C VAL A 54 -4.69 9.54 13.68
N PRO A 55 -5.39 9.29 12.57
CA PRO A 55 -6.45 8.28 12.55
C PRO A 55 -5.84 6.89 12.53
N VAL A 56 -6.48 5.97 13.25
CA VAL A 56 -5.99 4.61 13.42
C VAL A 56 -7.16 3.65 13.23
N GLU A 57 -6.98 2.68 12.34
CA GLU A 57 -7.97 1.63 12.13
C GLU A 57 -7.65 0.48 13.06
N VAL A 58 -8.65 0.03 13.83
CA VAL A 58 -8.47 -1.06 14.78
C VAL A 58 -9.32 -2.23 14.31
N GLY A 59 -8.71 -3.42 14.28
CA GLY A 59 -9.41 -4.59 13.79
C GLY A 59 -9.08 -4.88 12.34
N SER A 60 -10.05 -5.43 11.62
CA SER A 60 -9.86 -5.87 10.24
C SER A 60 -10.95 -5.31 9.35
N ARG A 61 -10.54 -4.83 8.18
CA ARG A 61 -11.49 -4.32 7.19
C ARG A 61 -12.53 -5.37 6.83
N GLU A 65 -15.77 -9.68 10.77
CA GLU A 65 -14.78 -9.24 11.74
C GLU A 65 -15.00 -7.78 12.12
N GLU A 66 -14.89 -7.48 13.41
CA GLU A 66 -15.12 -6.13 13.89
C GLU A 66 -14.07 -5.18 13.38
N TRP A 67 -14.41 -3.89 13.38
CA TRP A 67 -13.56 -2.87 12.80
C TRP A 67 -14.03 -1.49 13.26
N SER A 68 -13.09 -0.61 13.56
CA SER A 68 -13.44 0.74 13.95
C SER A 68 -12.28 1.69 13.65
N GLN A 69 -12.58 2.98 13.69
CA GLN A 69 -11.62 4.04 13.43
C GLN A 69 -11.59 4.98 14.63
N THR A 70 -10.40 5.28 15.13
CA THR A 70 -10.25 6.16 16.28
C THR A 70 -9.14 7.16 16.01
N LEU A 71 -8.85 7.99 17.02
CA LEU A 71 -7.84 9.03 16.92
C LEU A 71 -6.95 8.97 18.15
N MET A 72 -5.64 9.12 17.93
N MET A 72 -5.64 9.12 17.93
CA MET A 72 -4.68 9.13 19.02
CA MET A 72 -4.66 9.01 19.00
C MET A 72 -3.42 9.79 18.51
C MET A 72 -3.34 9.62 18.51
N THR A 73 -2.52 10.10 19.44
CA THR A 73 -1.22 10.62 19.03
C THR A 73 -0.37 9.48 18.47
N VAL A 74 0.62 9.85 17.65
CA VAL A 74 1.56 8.87 17.13
C VAL A 74 2.26 8.14 18.27
N ASN A 75 2.59 8.88 19.34
CA ASN A 75 3.20 8.24 20.51
C ASN A 75 2.28 7.17 21.09
N GLU A 76 1.00 7.48 21.22
CA GLU A 76 0.04 6.50 21.74
C GLU A 76 -0.07 5.31 20.80
N PHE A 77 -0.10 5.57 19.49
CA PHE A 77 -0.22 4.48 18.53
C PHE A 77 0.96 3.53 18.64
N ILE A 78 2.16 4.06 18.71
CA ILE A 78 3.35 3.22 18.81
C ILE A 78 3.32 2.43 20.11
N SER A 79 2.96 3.08 21.22
N SER A 79 2.96 3.08 21.22
CA SER A 79 2.98 2.39 22.50
CA SER A 79 2.95 2.38 22.51
C SER A 79 1.94 1.29 22.57
C SER A 79 1.93 1.24 22.52
N LYS A 80 0.76 1.52 21.99
N LYS A 80 0.72 1.52 22.03
CA LYS A 80 -0.36 0.60 22.17
CA LYS A 80 -0.36 0.55 22.19
C LYS A 80 -0.43 -0.49 21.12
C LYS A 80 -0.33 -0.55 21.13
N TYR A 81 -0.03 -0.21 19.89
CA TYR A 81 -0.21 -1.12 18.78
C TYR A 81 1.07 -1.63 18.15
N ILE A 82 2.24 -1.15 18.57
N ILE A 82 2.23 -1.15 18.56
CA ILE A 82 3.48 -1.64 17.97
CA ILE A 82 3.49 -1.56 17.97
C ILE A 82 4.38 -2.26 19.03
C ILE A 82 4.35 -2.24 19.03
N VAL A 83 4.69 -1.53 20.09
CA VAL A 83 5.73 -2.02 21.00
C VAL A 83 5.23 -2.87 22.16
N ASN A 84 4.04 -2.64 22.70
CA ASN A 84 3.67 -3.20 24.01
C ASN A 84 2.70 -4.37 23.86
N GLU A 85 3.22 -5.51 23.41
CA GLU A 85 2.42 -6.70 23.11
C GLU A 85 0.98 -6.29 22.82
N PRO A 86 0.70 -5.80 21.62
CA PRO A 86 -0.63 -5.26 21.34
C PRO A 86 -1.74 -6.26 21.57
N ARG A 87 -2.86 -5.76 22.08
CA ARG A 87 -4.06 -6.55 22.30
C ARG A 87 -4.89 -6.70 21.04
N ASP A 88 -4.79 -5.76 20.11
CA ASP A 88 -5.51 -5.82 18.85
C ASP A 88 -4.61 -5.27 17.77
N VAL A 89 -4.99 -5.51 16.52
CA VAL A 89 -4.28 -4.92 15.39
C VAL A 89 -4.75 -3.48 15.24
N GLY A 90 -3.79 -2.57 15.17
CA GLY A 90 -4.08 -1.18 14.85
C GLY A 90 -3.15 -0.74 13.74
N TYR A 91 -3.67 0.13 12.88
CA TYR A 91 -3.01 0.47 11.63
C TYR A 91 -3.19 1.96 11.37
N LEU A 92 -2.07 2.68 11.28
CA LEU A 92 -2.10 4.08 10.83
C LEU A 92 -2.16 4.01 9.31
N ALA A 93 -3.38 3.93 8.78
CA ALA A 93 -3.60 3.56 7.38
C ALA A 93 -4.16 4.73 6.58
N GLN A 94 -3.69 4.85 5.34
CA GLN A 94 -4.27 5.77 4.36
C GLN A 94 -4.41 7.18 4.93
N HIS A 95 -3.31 7.70 5.46
CA HIS A 95 -3.31 9.03 6.07
C HIS A 95 -2.27 9.91 5.41
N GLN A 96 -2.68 11.14 5.06
CA GLN A 96 -1.81 12.10 4.38
C GLN A 96 -0.90 12.76 5.42
N LEU A 97 0.00 11.95 5.95
CA LEU A 97 0.87 12.37 7.04
C LEU A 97 1.83 13.47 6.62
N PHE A 98 2.19 13.51 5.33
CA PHE A 98 3.20 14.44 4.85
C PHE A 98 2.63 15.81 4.55
N ASP A 99 1.33 15.92 4.30
N ASP A 99 1.32 15.92 4.30
CA ASP A 99 0.67 17.22 4.35
CA ASP A 99 0.68 17.23 4.35
C ASP A 99 0.62 17.73 5.78
C ASP A 99 0.59 17.73 5.78
N GLN A 100 0.32 16.82 6.72
CA GLN A 100 0.21 17.20 8.13
C GLN A 100 1.56 17.59 8.72
N ILE A 101 2.61 16.90 8.31
CA ILE A 101 3.94 17.08 8.89
C ILE A 101 4.93 17.34 7.77
N PRO A 102 5.05 18.59 7.32
CA PRO A 102 5.92 18.87 6.17
C PRO A 102 7.37 18.46 6.38
N GLU A 103 7.85 18.46 7.62
CA GLU A 103 9.24 18.08 7.86
C GLU A 103 9.50 16.65 7.39
N LEU A 104 8.50 15.78 7.46
CA LEU A 104 8.67 14.42 6.96
C LEU A 104 8.64 14.37 5.44
N LYS A 105 7.96 15.32 4.80
CA LYS A 105 7.93 15.31 3.34
C LYS A 105 9.34 15.51 2.77
N GLN A 106 10.25 16.10 3.55
CA GLN A 106 11.63 16.28 3.08
C GLN A 106 12.34 14.94 2.85
N ASP A 107 11.84 13.86 3.44
CA ASP A 107 12.51 12.56 3.41
C ASP A 107 12.07 11.66 2.26
N ILE A 108 11.12 12.12 1.45
CA ILE A 108 10.63 11.38 0.29
C ILE A 108 10.68 12.30 -0.92
N SER A 109 10.40 11.74 -2.08
N SER A 109 10.37 11.75 -2.08
CA SER A 109 10.25 12.48 -3.33
CA SER A 109 10.22 12.53 -3.30
C SER A 109 9.00 11.98 -4.04
C SER A 109 9.16 11.87 -4.18
N ILE A 110 8.62 12.66 -5.11
CA ILE A 110 7.60 12.16 -6.02
C ILE A 110 8.34 11.43 -7.13
N PRO A 111 8.07 10.15 -7.37
CA PRO A 111 8.79 9.45 -8.46
C PRO A 111 8.65 10.19 -9.78
N ASP A 112 9.76 10.25 -10.53
CA ASP A 112 9.74 10.95 -11.82
C ASP A 112 8.71 10.36 -12.75
N TYR A 113 8.42 9.06 -12.64
CA TYR A 113 7.48 8.40 -13.53
C TYR A 113 6.09 9.01 -13.45
N CYS A 114 5.74 9.65 -12.33
CA CYS A 114 4.41 10.26 -12.22
C CYS A 114 4.19 11.33 -13.29
N SER A 115 5.27 11.96 -13.76
CA SER A 115 5.14 13.00 -14.77
C SER A 115 4.67 12.47 -16.11
N LEU A 116 4.62 11.15 -16.28
CA LEU A 116 4.01 10.53 -17.44
C LEU A 116 2.49 10.54 -17.39
N GLY A 117 1.91 10.87 -16.23
CA GLY A 117 0.47 10.91 -16.11
C GLY A 117 -0.13 12.17 -16.71
N ASP A 118 -1.46 12.20 -16.73
CA ASP A 118 -2.19 13.34 -17.26
C ASP A 118 -2.59 14.33 -16.18
N GLY A 119 -2.35 14.01 -14.91
CA GLY A 119 -2.76 14.87 -13.82
C GLY A 119 -1.67 15.84 -13.38
N GLU A 120 -2.05 16.74 -12.48
CA GLU A 120 -1.14 17.73 -11.95
C GLU A 120 -0.41 17.16 -10.73
N GLU A 121 0.86 17.53 -10.58
CA GLU A 121 1.62 17.05 -9.43
C GLU A 121 0.94 17.46 -8.12
N GLU A 122 0.35 18.66 -8.10
CA GLU A 122 -0.34 19.12 -6.90
C GLU A 122 -1.47 18.20 -6.48
N GLU A 123 -2.03 17.41 -7.41
CA GLU A 123 -3.15 16.53 -7.12
CA GLU A 123 -3.15 16.53 -7.10
C GLU A 123 -2.73 15.12 -6.74
N ILE A 124 -1.43 14.82 -6.68
CA ILE A 124 -0.98 13.50 -6.26
C ILE A 124 -1.26 13.34 -4.77
N THR A 125 -1.89 12.22 -4.40
CA THR A 125 -2.21 11.95 -3.01
C THR A 125 -1.14 11.04 -2.42
N ILE A 126 -0.48 11.49 -1.37
CA ILE A 126 0.58 10.74 -0.73
C ILE A 126 0.07 10.28 0.63
N ASN A 127 -0.04 8.97 0.80
CA ASN A 127 -0.55 8.38 2.02
C ASN A 127 0.52 7.58 2.74
N ALA A 128 0.52 7.67 4.07
CA ALA A 128 1.34 6.83 4.92
C ALA A 128 0.58 5.58 5.32
N TRP A 129 1.32 4.48 5.48
CA TRP A 129 0.79 3.20 5.94
C TRP A 129 1.79 2.67 6.96
N PHE A 130 1.52 2.87 8.24
CA PHE A 130 2.44 2.58 9.33
C PHE A 130 1.73 1.66 10.30
N GLY A 131 2.25 0.45 10.46
CA GLY A 131 1.62 -0.51 11.32
C GLY A 131 2.46 -1.71 11.67
N PRO A 132 1.97 -2.52 12.59
CA PRO A 132 2.68 -3.73 13.01
C PRO A 132 2.63 -4.80 11.94
N GLN A 133 3.46 -5.82 12.14
CA GLN A 133 3.26 -7.09 11.47
C GLN A 133 1.81 -7.52 11.58
N GLY A 134 1.26 -8.00 10.47
CA GLY A 134 -0.04 -8.63 10.48
C GLY A 134 -1.21 -7.78 9.99
N THR A 135 -0.99 -6.52 9.65
CA THR A 135 -2.04 -5.74 9.02
C THR A 135 -2.39 -6.38 7.68
N ILE A 136 -3.69 -6.41 7.37
CA ILE A 136 -4.16 -7.03 6.12
C ILE A 136 -5.21 -6.15 5.48
N SER A 137 -5.01 -5.84 4.21
CA SER A 137 -6.05 -5.23 3.42
C SER A 137 -7.02 -6.29 2.92
N PRO A 138 -8.26 -5.92 2.62
CA PRO A 138 -9.06 -6.73 1.70
C PRO A 138 -8.49 -6.58 0.30
N LEU A 139 -8.76 -7.58 -0.53
CA LEU A 139 -8.49 -7.45 -1.95
C LEU A 139 -9.39 -6.37 -2.52
N HIS A 140 -8.80 -5.34 -3.11
CA HIS A 140 -9.58 -4.20 -3.58
C HIS A 140 -8.86 -3.55 -4.76
N GLN A 141 -9.57 -2.65 -5.44
CA GLN A 141 -9.01 -1.86 -6.53
C GLN A 141 -9.25 -0.38 -6.28
N ASP A 142 -8.30 0.45 -6.74
CA ASP A 142 -8.34 1.90 -6.60
C ASP A 142 -8.48 2.56 -7.96
N PRO A 143 -9.00 3.80 -8.00
CA PRO A 143 -9.31 4.46 -9.28
C PRO A 143 -8.18 5.29 -9.89
N GLN A 144 -6.97 5.17 -9.37
CA GLN A 144 -5.80 5.88 -9.90
C GLN A 144 -4.61 4.92 -9.97
N GLN A 145 -3.58 5.32 -10.72
CA GLN A 145 -2.31 4.63 -10.66
C GLN A 145 -1.72 4.74 -9.24
N ASN A 146 -0.79 3.82 -8.92
CA ASN A 146 -0.18 3.82 -7.59
C ASN A 146 1.27 3.37 -7.67
N PHE A 147 2.16 4.15 -7.04
CA PHE A 147 3.49 3.72 -6.63
C PHE A 147 3.47 3.52 -5.12
N LEU A 148 3.60 2.27 -4.68
CA LEU A 148 3.69 1.91 -3.28
C LEU A 148 5.16 1.73 -2.92
N VAL A 149 5.68 2.63 -2.09
CA VAL A 149 7.10 2.64 -1.74
C VAL A 149 7.26 2.00 -0.37
N GLN A 150 8.10 0.97 -0.27
CA GLN A 150 8.33 0.29 1.00
C GLN A 150 9.56 0.89 1.69
N VAL A 151 9.38 1.33 2.94
CA VAL A 151 10.43 2.00 3.70
C VAL A 151 10.94 1.13 4.85
N MET A 152 10.04 0.63 5.69
N MET A 152 10.03 0.58 5.65
CA MET A 152 10.39 -0.24 6.81
CA MET A 152 10.36 -0.24 6.81
C MET A 152 9.65 -1.56 6.66
C MET A 152 9.64 -1.57 6.67
N GLY A 153 10.36 -2.66 6.90
CA GLY A 153 9.74 -3.97 6.84
C GLY A 153 9.34 -4.41 5.43
N ARG A 154 8.68 -5.56 5.39
CA ARG A 154 8.29 -6.22 4.15
C ARG A 154 6.78 -6.44 4.10
N LYS A 155 6.24 -6.50 2.89
CA LYS A 155 4.83 -6.80 2.69
C LYS A 155 4.65 -7.89 1.64
N TYR A 156 3.77 -8.84 1.94
N TYR A 156 3.82 -8.87 1.95
CA TYR A 156 3.31 -9.81 0.94
CA TYR A 156 3.34 -9.79 0.93
C TYR A 156 2.13 -9.22 0.18
C TYR A 156 2.19 -9.11 0.19
N ILE A 157 2.23 -9.18 -1.14
CA ILE A 157 1.25 -8.52 -1.99
C ILE A 157 0.82 -9.46 -3.09
N ARG A 158 -0.50 -9.57 -3.29
N ARG A 158 -0.49 -9.64 -3.25
CA ARG A 158 -1.09 -10.36 -4.35
CA ARG A 158 -1.04 -10.35 -4.38
C ARG A 158 -1.89 -9.46 -5.28
C ARG A 158 -1.74 -9.34 -5.29
N LEU A 159 -1.72 -9.64 -6.58
CA LEU A 159 -2.26 -8.75 -7.60
C LEU A 159 -3.07 -9.55 -8.61
N TYR A 160 -4.31 -9.14 -8.83
CA TYR A 160 -5.19 -9.73 -9.82
C TYR A 160 -5.59 -8.67 -10.83
N SER A 161 -5.46 -8.99 -12.12
N SER A 161 -5.47 -8.97 -12.12
CA SER A 161 -5.82 -8.06 -13.18
CA SER A 161 -5.78 -7.99 -13.13
C SER A 161 -7.30 -7.70 -13.10
C SER A 161 -7.28 -7.72 -13.19
N PRO A 162 -7.70 -6.53 -13.60
CA PRO A 162 -9.14 -6.23 -13.72
C PRO A 162 -9.86 -7.20 -14.63
N GLN A 163 -9.15 -7.86 -15.56
N GLN A 163 -9.18 -7.86 -15.56
CA GLN A 163 -9.80 -8.85 -16.41
CA GLN A 163 -9.87 -8.83 -16.41
C GLN A 163 -10.32 -10.05 -15.62
C GLN A 163 -10.25 -10.10 -15.64
N GLU A 164 -9.87 -10.22 -14.37
CA GLU A 164 -10.28 -11.34 -13.54
C GLU A 164 -11.39 -10.98 -12.56
N SER A 165 -12.02 -9.81 -12.71
CA SER A 165 -12.95 -9.32 -11.69
C SER A 165 -14.09 -10.32 -11.41
N GLY A 166 -14.53 -11.05 -12.43
CA GLY A 166 -15.65 -11.96 -12.24
C GLY A 166 -15.35 -13.06 -11.24
N ALA A 167 -14.09 -13.50 -11.16
CA ALA A 167 -13.69 -14.55 -10.24
C ALA A 167 -13.37 -14.03 -8.85
N LEU A 168 -13.46 -12.72 -8.62
CA LEU A 168 -13.15 -12.12 -7.33
C LEU A 168 -14.40 -11.73 -6.55
N TYR A 169 -15.58 -11.89 -7.13
CA TYR A 169 -16.84 -11.70 -6.44
C TYR A 169 -16.90 -10.36 -5.70
N PRO A 170 -16.86 -9.24 -6.43
CA PRO A 170 -17.01 -7.94 -5.77
C PRO A 170 -18.31 -7.86 -4.98
N HIS A 171 -18.25 -7.12 -3.88
CA HIS A 171 -19.47 -6.79 -3.15
C HIS A 171 -20.45 -6.06 -4.07
N ASP A 172 -21.74 -6.25 -3.81
CA ASP A 172 -22.76 -5.68 -4.68
C ASP A 172 -23.27 -4.32 -4.23
N THR A 173 -23.01 -3.92 -2.98
CA THR A 173 -23.29 -2.55 -2.59
C THR A 173 -22.43 -1.61 -3.43
N HIS A 174 -22.98 -0.45 -3.78
CA HIS A 174 -22.18 0.52 -4.52
C HIS A 174 -20.93 0.91 -3.72
N LEU A 175 -21.07 1.06 -2.40
CA LEU A 175 -19.97 1.53 -1.58
C LEU A 175 -18.81 0.55 -1.57
N LEU A 176 -19.08 -0.75 -1.73
CA LEU A 176 -18.05 -1.77 -1.64
C LEU A 176 -17.79 -2.48 -2.96
N HIS A 177 -18.28 -1.93 -4.07
CA HIS A 177 -18.14 -2.64 -5.35
C HIS A 177 -16.67 -2.75 -5.79
N ASN A 178 -15.78 -1.95 -5.19
N ASN A 178 -15.78 -1.94 -5.23
CA ASN A 178 -14.35 -1.99 -5.46
CA ASN A 178 -14.36 -2.04 -5.52
C ASN A 178 -13.61 -2.99 -4.58
C ASN A 178 -13.62 -2.84 -4.45
N THR A 179 -14.33 -3.73 -3.76
CA THR A 179 -13.73 -4.63 -2.78
C THR A 179 -14.24 -6.05 -3.03
N SER A 180 -13.32 -7.00 -2.98
CA SER A 180 -13.65 -8.40 -3.15
C SER A 180 -14.28 -8.96 -1.88
N GLN A 181 -15.22 -9.88 -2.05
CA GLN A 181 -15.80 -10.61 -0.93
C GLN A 181 -14.87 -11.72 -0.43
N VAL A 182 -13.80 -12.03 -1.14
CA VAL A 182 -13.00 -13.22 -0.86
C VAL A 182 -11.86 -12.89 0.10
N ASP A 183 -11.61 -13.80 1.04
N ASP A 183 -11.59 -13.81 1.02
CA ASP A 183 -10.40 -13.79 1.85
CA ASP A 183 -10.39 -13.74 1.85
C ASP A 183 -9.30 -14.42 1.01
C ASP A 183 -9.26 -14.42 1.09
N VAL A 184 -8.35 -13.61 0.53
CA VAL A 184 -7.40 -14.10 -0.46
C VAL A 184 -6.63 -15.32 0.06
N GLU A 185 -6.18 -15.28 1.30
CA GLU A 185 -5.29 -16.30 1.81
C GLU A 185 -6.01 -17.47 2.46
N ASN A 186 -7.34 -17.42 2.57
CA ASN A 186 -8.13 -18.55 3.03
C ASN A 186 -9.51 -18.47 2.39
N PRO A 187 -9.57 -18.64 1.07
CA PRO A 187 -10.84 -18.44 0.37
C PRO A 187 -11.86 -19.52 0.67
N ASP A 188 -13.13 -19.11 0.75
CA ASP A 188 -14.25 -20.06 0.83
C ASP A 188 -14.56 -20.52 -0.58
N LEU A 189 -13.98 -21.65 -0.99
CA LEU A 189 -14.17 -22.11 -2.36
C LEU A 189 -15.52 -22.77 -2.59
N GLU A 190 -16.25 -23.10 -1.52
N GLU A 190 -16.26 -23.10 -1.53
CA GLU A 190 -17.61 -23.61 -1.67
CA GLU A 190 -17.64 -23.53 -1.72
C GLU A 190 -18.57 -22.49 -2.07
C GLU A 190 -18.51 -22.34 -2.15
N LYS A 191 -18.31 -21.27 -1.61
N LYS A 191 -18.30 -21.19 -1.52
CA LYS A 191 -19.10 -20.11 -1.98
CA LYS A 191 -19.05 -19.99 -1.86
C LYS A 191 -18.48 -19.29 -3.11
C LYS A 191 -18.48 -19.31 -3.10
N PHE A 192 -17.16 -19.32 -3.25
CA PHE A 192 -16.47 -18.55 -4.29
C PHE A 192 -15.57 -19.44 -5.15
N PRO A 193 -16.16 -20.43 -5.83
CA PRO A 193 -15.32 -21.44 -6.51
C PRO A 193 -14.48 -20.89 -7.65
N LYS A 194 -14.94 -19.84 -8.34
CA LYS A 194 -14.16 -19.31 -9.45
C LYS A 194 -12.85 -18.69 -9.00
N PHE A 195 -12.69 -18.42 -7.69
CA PHE A 195 -11.50 -17.74 -7.22
C PHE A 195 -10.26 -18.61 -7.35
N ALA A 196 -10.41 -19.93 -7.17
CA ALA A 196 -9.25 -20.80 -7.07
C ALA A 196 -8.40 -20.78 -8.34
N LYS A 197 -9.01 -20.66 -9.50
CA LYS A 197 -8.30 -20.74 -10.77
C LYS A 197 -8.03 -19.38 -11.38
N ALA A 198 -8.32 -18.29 -10.67
CA ALA A 198 -7.97 -16.97 -11.18
C ALA A 198 -6.46 -16.79 -11.10
N PRO A 199 -5.79 -16.44 -12.19
CA PRO A 199 -4.34 -16.22 -12.13
C PRO A 199 -4.00 -14.89 -11.47
N PHE A 200 -2.79 -14.84 -10.93
CA PHE A 200 -2.35 -13.65 -10.22
C PHE A 200 -0.83 -13.53 -10.25
N LEU A 201 -0.36 -12.36 -9.84
CA LEU A 201 1.05 -12.10 -9.56
C LEU A 201 1.20 -11.92 -8.06
N SER A 202 2.39 -12.19 -7.54
CA SER A 202 2.64 -11.87 -6.14
C SER A 202 4.10 -11.49 -5.96
N CYS A 203 4.38 -10.90 -4.80
CA CYS A 203 5.73 -10.50 -4.45
C CYS A 203 5.80 -10.31 -2.95
N ILE A 204 7.03 -10.30 -2.45
CA ILE A 204 7.36 -9.72 -1.15
C ILE A 204 8.08 -8.41 -1.43
N LEU A 205 7.45 -7.30 -1.07
CA LEU A 205 8.01 -5.97 -1.29
C LEU A 205 8.90 -5.61 -0.11
N SER A 206 10.15 -5.30 -0.39
N SER A 206 10.16 -5.31 -0.38
CA SER A 206 11.12 -5.04 0.66
CA SER A 206 11.14 -5.04 0.66
C SER A 206 11.57 -3.58 0.68
C SER A 206 11.54 -3.57 0.68
N PRO A 207 12.19 -3.13 1.76
CA PRO A 207 12.58 -1.72 1.87
C PRO A 207 13.40 -1.26 0.67
N GLY A 208 13.10 -0.05 0.21
CA GLY A 208 13.78 0.55 -0.93
C GLY A 208 13.14 0.24 -2.27
N GLU A 209 12.15 -0.64 -2.31
CA GLU A 209 11.51 -1.06 -3.54
C GLU A 209 10.20 -0.31 -3.74
N ILE A 210 9.84 -0.10 -5.00
CA ILE A 210 8.59 0.55 -5.37
C ILE A 210 7.76 -0.44 -6.20
N LEU A 211 6.54 -0.70 -5.76
CA LEU A 211 5.60 -1.49 -6.54
C LEU A 211 4.67 -0.56 -7.31
N PHE A 212 4.64 -0.71 -8.63
CA PHE A 212 3.66 -0.04 -9.46
C PHE A 212 2.40 -0.89 -9.50
N ILE A 213 1.31 -0.35 -8.99
CA ILE A 213 -0.01 -0.98 -9.07
C ILE A 213 -0.82 -0.23 -10.11
N PRO A 214 -1.04 -0.80 -11.30
CA PRO A 214 -1.81 -0.10 -12.33
C PRO A 214 -3.21 0.24 -11.86
N VAL A 215 -3.75 1.32 -12.43
CA VAL A 215 -5.09 1.76 -12.08
C VAL A 215 -6.06 0.59 -12.21
N LYS A 216 -6.86 0.40 -11.16
N LYS A 216 -6.86 0.39 -11.17
CA LYS A 216 -7.91 -0.62 -11.04
CA LYS A 216 -7.91 -0.62 -11.05
C LYS A 216 -7.38 -2.05 -10.94
C LYS A 216 -7.38 -2.04 -10.91
N TYR A 217 -6.07 -2.25 -10.84
CA TYR A 217 -5.56 -3.57 -10.54
C TYR A 217 -5.98 -3.95 -9.13
N TRP A 218 -6.51 -5.16 -8.97
CA TRP A 218 -6.88 -5.62 -7.63
C TRP A 218 -5.61 -5.95 -6.85
N HIS A 219 -5.53 -5.49 -5.60
CA HIS A 219 -4.37 -5.78 -4.77
C HIS A 219 -4.79 -6.13 -3.35
N TYR A 220 -3.96 -6.98 -2.73
CA TYR A 220 -4.11 -7.50 -1.38
C TYR A 220 -2.75 -7.39 -0.70
N VAL A 221 -2.71 -6.86 0.52
CA VAL A 221 -1.45 -6.48 1.15
C VAL A 221 -1.42 -6.97 2.59
N ARG A 222 -0.41 -7.75 2.95
CA ARG A 222 -0.21 -8.18 4.33
C ARG A 222 1.21 -7.83 4.79
N ALA A 223 1.31 -7.11 5.91
CA ALA A 223 2.60 -6.76 6.48
C ALA A 223 3.23 -7.97 7.16
N LEU A 224 4.47 -8.28 6.77
CA LEU A 224 5.19 -9.41 7.37
C LEU A 224 6.02 -9.01 8.57
N ASP A 225 6.30 -7.71 8.71
CA ASP A 225 7.05 -7.16 9.83
C ASP A 225 6.41 -5.84 10.21
N LEU A 226 6.90 -5.25 11.29
CA LEU A 226 6.72 -3.82 11.51
C LEU A 226 7.00 -3.09 10.21
N SER A 227 6.04 -2.32 9.71
CA SER A 227 6.09 -1.84 8.34
C SER A 227 5.70 -0.37 8.23
N PHE A 228 6.37 0.32 7.31
CA PHE A 228 6.02 1.67 6.93
C PHE A 228 6.13 1.76 5.42
N SER A 229 5.01 2.06 4.76
CA SER A 229 4.96 2.25 3.33
C SER A 229 4.41 3.64 3.03
N VAL A 230 4.75 4.15 1.85
CA VAL A 230 4.23 5.42 1.36
C VAL A 230 3.69 5.19 -0.04
N SER A 231 2.40 5.49 -0.25
N SER A 231 2.41 5.51 -0.25
CA SER A 231 1.76 5.32 -1.55
CA SER A 231 1.74 5.34 -1.52
C SER A 231 1.57 6.66 -2.22
C SER A 231 1.60 6.69 -2.22
N PHE A 232 1.75 6.67 -3.54
CA PHE A 232 1.55 7.84 -4.39
C PHE A 232 0.41 7.49 -5.34
N TRP A 233 -0.75 8.11 -5.15
CA TRP A 233 -1.89 7.91 -6.03
C TRP A 233 -1.92 9.03 -7.06
N TRP A 234 -1.85 8.65 -8.33
CA TRP A 234 -1.62 9.62 -9.39
C TRP A 234 -2.32 9.16 -10.67
N SER A 235 -2.51 10.12 -11.57
N SER A 235 -2.47 10.10 -11.60
CA SER A 235 -3.20 9.86 -12.83
CA SER A 235 -3.02 9.79 -12.91
C SER A 235 -2.47 10.50 -14.00
C SER A 235 -2.38 10.72 -13.95
#